data_8WNB
#
_entry.id   8WNB
#
_cell.length_a   46.441
_cell.length_b   46.563
_cell.length_c   74.708
_cell.angle_alpha   90.00
_cell.angle_beta   90.00
_cell.angle_gamma   90.00
#
_symmetry.space_group_name_H-M   'P 21 21 21'
#
loop_
_entity.id
_entity.type
_entity.pdbx_description
1 polymer "DNA (5'-D(P*AP*CP*GP*CP*CP*GP*T)-3')"
2 polymer "DNA (5'-D(P*AP*CP*GP*IP*CP*GP*T)-3')"
3 water water
#
loop_
_entity_poly.entity_id
_entity_poly.type
_entity_poly.pdbx_seq_one_letter_code
_entity_poly.pdbx_strand_id
1 'polydeoxyribonucleotide' (DA)(DC)(DG)(DC)(DC)(DG)(DT) A,C,E,G
2 'polydeoxyribonucleotide' (DA)(DC)(DG)(DI)(DC)(DG)(DT) B,D,F,H
#